data_3PEP
#
_entry.id   3PEP
#
_cell.length_a   55.270
_cell.length_b   73.820
_cell.length_c   36.440
_cell.angle_alpha   90.00
_cell.angle_beta   90.00
_cell.angle_gamma   103.38
#
_symmetry.space_group_name_H-M   'P 1 1 21'
#
loop_
_entity.id
_entity.type
_entity.pdbx_description
1 polymer PEPSIN
2 non-polymer ETHANOL
3 water water
#
_entity_poly.entity_id   1
_entity_poly.type   'polypeptide(L)'
_entity_poly.pdbx_seq_one_letter_code
;IGDEPLENYLDTEYFGTIGIGTPAQDFTVIFDTGSSNLWVPSVYCSSLACSDHNQFNPDDSSTFEATSQELSITYGTGSM
TGILGYDTVQVGGISDTNQIFGLSETEPGSFLYYAPFDGILGLAYPSISASGATPVFDNLWDQGLVSQDLFSVYLSSNDD
SGSVVLLGGIDSSYYTGSLNWVPVSVEGYWQITLDSITMDGETIACSGGCQAIVDTGTSLLTGPTSAIANIQSDIGASEN
SDGEMVISCSSIDSLPDIVFTIDGVQYPLSPSAYILQDDDSCTSGFEGMDVPTSSGELWILGDVFIRQYYTVFDRANNKV
GLAPVA
;
_entity_poly.pdbx_strand_id   A
#
loop_
_chem_comp.id
_chem_comp.type
_chem_comp.name
_chem_comp.formula
EOH non-polymer ETHANOL 'C2 H6 O'
#
# COMPACT_ATOMS: atom_id res chain seq x y z
N ILE A 1 -20.00 -4.94 -6.59
CA ILE A 1 -18.57 -4.66 -6.73
C ILE A 1 -18.43 -3.15 -6.70
N GLY A 2 -17.30 -2.58 -6.32
CA GLY A 2 -17.09 -1.11 -6.44
C GLY A 2 -15.86 -0.97 -7.38
N ASP A 3 -15.78 0.01 -8.23
CA ASP A 3 -14.61 0.21 -9.10
C ASP A 3 -13.98 1.54 -8.66
N GLU A 4 -12.83 1.47 -7.99
CA GLU A 4 -12.09 2.70 -7.59
C GLU A 4 -10.80 2.93 -8.40
N PRO A 5 -10.76 3.76 -9.46
CA PRO A 5 -9.61 3.98 -10.33
C PRO A 5 -8.52 4.71 -9.56
N LEU A 6 -7.20 4.54 -9.87
CA LEU A 6 -6.18 5.21 -9.06
C LEU A 6 -5.24 5.92 -9.98
N GLU A 7 -4.79 7.06 -9.53
CA GLU A 7 -3.79 7.88 -10.22
C GLU A 7 -2.44 7.36 -9.72
N ASN A 8 -1.65 7.16 -10.76
CA ASN A 8 -0.26 6.68 -10.67
C ASN A 8 0.61 7.95 -10.74
N TYR A 9 1.27 8.36 -9.72
CA TYR A 9 2.06 9.61 -9.77
C TYR A 9 3.49 9.15 -9.65
N LEU A 10 4.17 9.32 -10.78
CA LEU A 10 5.62 9.09 -10.88
C LEU A 10 6.00 7.73 -10.35
N ASP A 11 5.16 6.73 -10.58
CA ASP A 11 5.40 5.37 -10.16
C ASP A 11 5.86 5.25 -8.73
N THR A 12 5.57 6.23 -7.91
CA THR A 12 5.93 6.18 -6.49
C THR A 12 4.76 6.27 -5.56
N GLU A 13 3.62 6.84 -5.98
CA GLU A 13 2.45 6.84 -5.08
C GLU A 13 1.24 6.51 -5.94
N TYR A 14 0.21 6.03 -5.34
CA TYR A 14 -1.00 5.65 -6.12
C TYR A 14 -2.10 6.02 -5.14
N PHE A 15 -2.98 6.88 -5.65
CA PHE A 15 -4.06 7.38 -4.79
C PHE A 15 -5.37 7.50 -5.62
N GLY A 16 -6.48 7.66 -4.91
CA GLY A 16 -7.80 7.71 -5.47
C GLY A 16 -8.63 8.75 -4.76
N THR A 17 -9.67 9.19 -5.45
CA THR A 17 -10.65 10.06 -4.90
C THR A 17 -11.82 9.33 -4.22
N ILE A 18 -12.13 9.77 -3.01
CA ILE A 18 -13.24 9.31 -2.20
C ILE A 18 -13.92 10.58 -1.79
N GLY A 19 -15.19 10.53 -1.51
CA GLY A 19 -15.89 11.85 -1.16
C GLY A 19 -16.46 11.69 0.24
N ILE A 20 -16.31 12.63 1.17
CA ILE A 20 -16.87 12.40 2.49
C ILE A 20 -17.98 13.36 2.80
N GLY A 21 -19.14 12.86 3.17
CA GLY A 21 -20.27 13.68 3.62
C GLY A 21 -21.40 13.70 2.58
N THR A 22 -22.45 14.41 2.92
CA THR A 22 -23.54 14.77 1.99
C THR A 22 -23.80 16.28 2.00
N PRO A 23 -23.66 17.04 0.91
CA PRO A 23 -23.09 16.60 -0.37
C PRO A 23 -21.61 16.30 -0.19
N ALA A 24 -21.17 15.35 -1.01
CA ALA A 24 -19.81 14.85 -1.05
C ALA A 24 -18.75 15.89 -1.05
N GLN A 25 -17.90 15.94 -0.01
CA GLN A 25 -16.69 16.80 -0.07
C GLN A 25 -15.61 15.92 -0.69
N ASP A 26 -14.70 16.42 -1.45
CA ASP A 26 -13.81 15.60 -2.31
C ASP A 26 -12.42 15.39 -1.71
N PHE A 27 -11.87 14.16 -1.60
CA PHE A 27 -10.50 13.88 -1.03
C PHE A 27 -9.69 12.88 -1.89
N THR A 28 -8.39 13.07 -1.95
CA THR A 28 -7.44 12.14 -2.53
C THR A 28 -6.83 11.29 -1.38
N VAL A 29 -6.67 9.98 -1.46
CA VAL A 29 -6.12 9.19 -0.36
C VAL A 29 -5.31 8.02 -0.98
N ILE A 30 -4.22 7.50 -0.38
CA ILE A 30 -3.61 6.25 -0.84
C ILE A 30 -4.50 5.09 -0.32
N PHE A 31 -4.48 3.97 -1.00
CA PHE A 31 -5.21 2.76 -0.58
C PHE A 31 -4.08 1.90 -0.13
N ASP A 32 -4.03 1.71 1.21
CA ASP A 32 -2.86 1.11 1.80
C ASP A 32 -3.12 -0.14 2.56
N THR A 33 -2.63 -1.26 2.00
CA THR A 33 -2.69 -2.54 2.60
C THR A 33 -1.72 -2.65 3.77
N GLY A 34 -1.10 -1.62 4.27
CA GLY A 34 -0.19 -1.75 5.45
C GLY A 34 -0.71 -0.92 6.62
N SER A 35 -1.92 -0.35 6.56
CA SER A 35 -2.55 0.38 7.68
C SER A 35 -4.05 0.04 7.68
N SER A 36 -4.86 0.50 8.65
CA SER A 36 -6.32 0.09 8.63
C SER A 36 -7.20 1.28 8.93
N ASN A 37 -6.59 2.46 9.07
CA ASN A 37 -7.32 3.68 9.46
C ASN A 37 -7.48 4.63 8.26
N LEU A 38 -8.62 5.30 8.24
CA LEU A 38 -8.99 6.25 7.25
C LEU A 38 -8.95 7.57 7.98
N TRP A 39 -8.35 8.55 7.40
CA TRP A 39 -8.36 9.92 7.91
C TRP A 39 -8.11 10.83 6.67
N VAL A 40 -8.56 12.01 6.88
CA VAL A 40 -8.98 13.09 6.39
C VAL A 40 -7.99 14.29 6.75
N PRO A 41 -7.42 15.38 6.22
CA PRO A 41 -7.34 16.68 6.92
C PRO A 41 -8.67 17.30 7.27
N SER A 42 -8.97 17.74 8.52
CA SER A 42 -10.23 18.45 8.73
C SER A 42 -9.81 19.94 8.79
N VAL A 43 -10.82 20.75 9.04
CA VAL A 43 -10.74 22.19 9.12
C VAL A 43 -10.13 22.64 10.43
N TYR A 44 -9.78 21.71 11.35
CA TYR A 44 -9.28 22.12 12.69
C TYR A 44 -7.78 21.88 12.75
N CYS A 45 -7.18 21.75 11.56
CA CYS A 45 -5.76 21.47 11.45
C CYS A 45 -5.12 22.75 10.94
N SER A 46 -4.11 23.15 11.68
CA SER A 46 -3.41 24.38 11.34
C SER A 46 -2.00 24.11 10.88
N SER A 47 -1.59 22.87 10.75
CA SER A 47 -0.28 22.52 10.27
C SER A 47 -0.08 22.98 8.82
N LEU A 48 1.18 23.05 8.41
CA LEU A 48 1.60 23.44 7.05
C LEU A 48 0.91 22.51 6.07
N ALA A 49 0.98 21.18 6.29
CA ALA A 49 0.35 20.18 5.39
C ALA A 49 -1.12 20.48 5.12
N CYS A 50 -1.69 21.03 6.19
CA CYS A 50 -3.11 21.40 6.22
C CYS A 50 -3.44 22.65 5.45
N SER A 51 -2.50 23.54 5.20
CA SER A 51 -2.79 24.74 4.36
C SER A 51 -2.71 24.34 2.87
N ASP A 52 -1.92 23.28 2.71
CA ASP A 52 -1.65 22.62 1.45
C ASP A 52 -2.72 21.61 0.98
N HIS A 53 -3.66 21.11 1.74
CA HIS A 53 -4.55 20.04 1.24
C HIS A 53 -6.02 20.29 1.38
N ASN A 54 -6.94 19.50 0.84
CA ASN A 54 -8.41 19.73 0.90
C ASN A 54 -8.73 19.43 2.34
N GLN A 55 -9.54 20.19 3.00
CA GLN A 55 -9.82 20.02 4.42
C GLN A 55 -11.33 19.78 4.52
N PHE A 56 -11.71 18.80 5.31
CA PHE A 56 -13.14 18.42 5.53
C PHE A 56 -13.72 19.47 6.42
N ASN A 57 -14.90 19.89 6.11
CA ASN A 57 -15.62 20.80 7.04
C ASN A 57 -16.87 20.07 7.53
N PRO A 58 -16.80 19.53 8.74
CA PRO A 58 -17.96 18.99 9.47
C PRO A 58 -19.21 19.82 9.41
N ASP A 59 -19.13 21.15 9.54
CA ASP A 59 -20.21 22.09 9.51
C ASP A 59 -21.04 21.97 8.25
N ASP A 60 -20.37 21.79 7.10
CA ASP A 60 -21.10 21.89 5.80
C ASP A 60 -21.66 20.65 5.15
N SER A 61 -21.53 19.41 5.63
CA SER A 61 -22.19 18.25 5.00
C SER A 61 -23.15 17.52 5.95
N SER A 62 -24.47 17.46 5.68
CA SER A 62 -25.53 17.02 6.60
C SER A 62 -25.68 15.60 7.13
N THR A 63 -24.72 14.72 7.17
CA THR A 63 -24.88 13.40 7.73
C THR A 63 -23.84 12.97 8.72
N PHE A 64 -22.91 13.88 9.06
CA PHE A 64 -21.79 13.57 9.96
C PHE A 64 -22.32 13.44 11.38
N GLU A 65 -21.62 12.72 12.21
CA GLU A 65 -22.00 12.61 13.64
C GLU A 65 -20.65 12.63 14.32
N ALA A 66 -20.48 13.52 15.26
CA ALA A 66 -19.21 13.78 15.95
C ALA A 66 -18.91 12.75 17.02
N THR A 67 -17.65 12.62 17.47
CA THR A 67 -17.33 11.74 18.59
C THR A 67 -16.33 12.51 19.48
N SER A 68 -16.12 12.06 20.70
CA SER A 68 -15.04 12.54 21.58
C SER A 68 -13.91 11.49 21.68
N GLN A 69 -13.74 10.62 20.68
CA GLN A 69 -12.65 9.63 20.73
C GLN A 69 -11.53 10.29 19.94
N GLU A 70 -10.32 10.27 20.43
CA GLU A 70 -9.16 10.82 19.71
C GLU A 70 -8.47 9.71 18.96
N LEU A 71 -7.63 10.11 18.06
CA LEU A 71 -6.87 9.15 17.20
C LEU A 71 -5.44 9.63 17.09
N SER A 72 -4.45 9.07 17.67
CA SER A 72 -3.10 9.48 17.37
C SER A 72 -2.58 8.33 16.48
N ILE A 73 -1.70 8.52 15.49
CA ILE A 73 -1.19 7.42 14.66
C ILE A 73 0.25 7.80 14.17
N THR A 74 1.18 6.93 14.49
CA THR A 74 2.58 7.12 14.10
C THR A 74 2.83 6.19 12.87
N TYR A 75 3.57 6.57 11.88
CA TYR A 75 3.79 5.75 10.67
C TYR A 75 5.28 5.87 10.46
N GLY A 76 5.79 5.43 9.32
CA GLY A 76 7.24 5.47 9.11
C GLY A 76 7.66 6.82 8.56
N THR A 77 6.73 7.46 7.88
CA THR A 77 6.97 8.79 7.30
C THR A 77 6.76 9.88 8.32
N GLY A 78 6.21 9.62 9.48
CA GLY A 78 5.96 10.64 10.51
C GLY A 78 4.67 10.34 11.27
N SER A 79 4.00 11.32 11.84
CA SER A 79 2.82 11.06 12.71
C SER A 79 1.69 12.06 12.44
N MET A 80 0.54 11.78 13.00
CA MET A 80 -0.62 12.66 12.88
C MET A 80 -1.56 12.40 14.07
N THR A 81 -2.41 13.37 14.47
CA THR A 81 -3.38 13.11 15.53
C THR A 81 -4.70 13.67 15.10
N GLY A 82 -5.86 13.17 15.52
CA GLY A 82 -7.13 13.75 15.15
C GLY A 82 -8.26 13.29 16.05
N ILE A 83 -9.49 13.39 15.57
CA ILE A 83 -10.69 12.99 16.32
C ILE A 83 -11.43 12.11 15.35
N LEU A 84 -12.20 11.14 15.84
CA LEU A 84 -12.95 10.25 14.97
C LEU A 84 -14.31 10.88 14.70
N GLY A 85 -15.04 10.34 13.76
CA GLY A 85 -16.40 10.80 13.46
C GLY A 85 -17.00 9.81 12.49
N TYR A 86 -18.28 9.91 12.23
CA TYR A 86 -19.06 9.04 11.34
C TYR A 86 -19.65 9.87 10.21
N ASP A 87 -19.52 9.57 8.91
CA ASP A 87 -20.25 10.25 7.84
C ASP A 87 -20.37 9.23 6.74
N THR A 88 -21.14 9.46 5.68
CA THR A 88 -21.17 8.56 4.54
C THR A 88 -19.95 8.80 3.69
N VAL A 89 -19.29 7.74 3.27
CA VAL A 89 -18.07 7.91 2.44
C VAL A 89 -18.34 7.22 1.12
N GLN A 90 -18.22 7.97 0.08
CA GLN A 90 -18.49 7.54 -1.28
C GLN A 90 -17.14 7.07 -1.79
N VAL A 91 -17.15 5.75 -2.09
CA VAL A 91 -15.90 5.14 -2.50
C VAL A 91 -16.16 4.13 -3.61
N GLY A 92 -15.70 4.43 -4.82
CA GLY A 92 -15.72 3.45 -5.89
C GLY A 92 -17.11 3.07 -6.36
N GLY A 93 -18.06 3.89 -6.06
CA GLY A 93 -19.43 3.63 -6.46
C GLY A 93 -20.28 3.28 -5.28
N ILE A 94 -19.68 2.75 -4.19
CA ILE A 94 -20.48 2.41 -3.04
C ILE A 94 -20.59 3.52 -2.05
N SER A 95 -21.82 3.75 -1.56
CA SER A 95 -22.02 4.73 -0.47
C SER A 95 -22.00 3.91 0.79
N ASP A 96 -20.80 3.93 1.36
CA ASP A 96 -20.49 3.25 2.63
C ASP A 96 -21.17 4.15 3.65
N THR A 97 -22.38 3.81 4.08
CA THR A 97 -23.07 4.59 5.10
C THR A 97 -22.35 4.52 6.43
N ASN A 98 -22.46 5.60 7.17
CA ASN A 98 -21.91 5.72 8.50
C ASN A 98 -20.59 5.01 8.78
N GLN A 99 -19.54 5.53 8.10
CA GLN A 99 -18.18 5.06 8.29
C GLN A 99 -17.53 5.92 9.29
N ILE A 100 -16.79 5.34 10.24
CA ILE A 100 -16.01 6.12 11.19
C ILE A 100 -14.66 6.40 10.50
N PHE A 101 -14.17 7.64 10.68
CA PHE A 101 -12.95 8.14 10.06
C PHE A 101 -12.37 9.29 10.92
N GLY A 102 -11.11 9.55 10.71
CA GLY A 102 -10.40 10.62 11.39
C GLY A 102 -10.39 11.93 10.60
N LEU A 103 -10.58 12.99 11.38
CA LEU A 103 -10.55 14.38 10.91
C LEU A 103 -9.25 14.85 11.54
N SER A 104 -8.19 15.13 10.78
CA SER A 104 -6.93 15.47 11.44
C SER A 104 -6.92 16.89 12.07
N GLU A 105 -6.10 16.93 13.14
CA GLU A 105 -5.87 18.11 13.92
C GLU A 105 -4.45 18.48 13.71
N THR A 106 -3.49 17.58 13.82
CA THR A 106 -2.09 18.03 13.54
C THR A 106 -1.56 16.98 12.58
N GLU A 107 -0.64 17.40 11.77
CA GLU A 107 0.11 16.56 10.85
C GLU A 107 1.48 17.26 10.72
N PRO A 108 2.46 17.02 11.57
CA PRO A 108 3.82 17.58 11.42
C PRO A 108 4.60 17.03 10.22
N GLY A 109 5.89 17.33 10.11
CA GLY A 109 6.82 16.78 9.12
C GLY A 109 6.51 17.00 7.63
N SER A 110 7.48 17.58 6.94
CA SER A 110 7.26 18.13 5.59
C SER A 110 6.98 17.06 4.55
N PHE A 111 7.15 15.78 4.86
CA PHE A 111 6.77 14.67 4.00
C PHE A 111 5.35 14.88 3.46
N LEU A 112 4.44 15.04 4.41
CA LEU A 112 3.01 15.29 4.16
C LEU A 112 2.74 16.65 3.52
N TYR A 113 3.65 17.56 3.49
CA TYR A 113 3.43 18.84 2.77
C TYR A 113 3.64 18.56 1.30
N TYR A 114 4.70 17.85 1.00
CA TYR A 114 5.05 17.56 -0.39
C TYR A 114 4.23 16.46 -1.01
N ALA A 115 3.65 15.61 -0.19
CA ALA A 115 2.84 14.47 -0.64
C ALA A 115 1.59 14.86 -1.41
N PRO A 116 1.45 14.53 -2.65
CA PRO A 116 0.29 14.84 -3.50
C PRO A 116 -1.03 14.32 -3.04
N PHE A 117 -1.15 13.55 -1.98
CA PHE A 117 -2.49 13.03 -1.64
C PHE A 117 -2.87 13.80 -0.35
N ASP A 118 -4.13 13.75 -0.01
CA ASP A 118 -4.64 14.32 1.23
C ASP A 118 -4.53 13.38 2.44
N GLY A 119 -5.06 12.17 2.34
CA GLY A 119 -5.18 11.24 3.46
C GLY A 119 -4.90 9.81 3.02
N ILE A 120 -5.36 8.84 3.81
CA ILE A 120 -4.92 7.42 3.77
C ILE A 120 -6.11 6.53 4.01
N LEU A 121 -6.19 5.43 3.28
CA LEU A 121 -7.34 4.55 3.41
C LEU A 121 -6.68 3.19 3.66
N GLY A 122 -6.83 2.56 4.81
CA GLY A 122 -6.09 1.31 5.04
C GLY A 122 -6.93 0.07 4.76
N LEU A 123 -6.33 -0.92 4.17
CA LEU A 123 -7.06 -2.14 3.78
C LEU A 123 -6.57 -3.41 4.50
N ALA A 124 -5.88 -3.29 5.66
CA ALA A 124 -5.39 -4.49 6.33
C ALA A 124 -6.29 -4.83 7.49
N TYR A 125 -5.95 -5.74 8.45
CA TYR A 125 -6.96 -6.17 9.43
C TYR A 125 -7.27 -5.15 10.53
N PRO A 126 -8.51 -5.11 11.04
CA PRO A 126 -8.90 -4.21 12.14
C PRO A 126 -8.00 -4.29 13.36
N SER A 127 -7.24 -5.31 13.52
CA SER A 127 -6.32 -5.48 14.68
C SER A 127 -5.37 -4.31 14.70
N ILE A 128 -4.83 -3.89 13.56
CA ILE A 128 -3.85 -2.84 13.57
C ILE A 128 -4.43 -1.44 13.53
N SER A 129 -5.78 -1.38 13.63
CA SER A 129 -6.42 -0.07 13.55
C SER A 129 -6.42 0.59 14.94
N ALA A 130 -5.76 1.75 14.99
CA ALA A 130 -5.70 2.58 16.20
C ALA A 130 -7.14 2.97 16.57
N SER A 131 -7.35 3.04 17.86
CA SER A 131 -8.65 3.36 18.47
C SER A 131 -9.64 2.24 18.12
N GLY A 132 -9.23 1.12 17.54
CA GLY A 132 -10.13 0.07 17.12
C GLY A 132 -11.08 0.65 16.05
N ALA A 133 -10.76 1.69 15.24
CA ALA A 133 -11.73 2.22 14.28
C ALA A 133 -12.06 1.24 13.13
N THR A 134 -13.32 1.02 12.84
CA THR A 134 -13.72 0.04 11.80
C THR A 134 -13.17 0.39 10.43
N PRO A 135 -12.35 -0.41 9.79
CA PRO A 135 -11.82 -0.06 8.48
C PRO A 135 -12.89 -0.25 7.41
N VAL A 136 -12.93 0.74 6.52
CA VAL A 136 -13.84 0.83 5.35
C VAL A 136 -14.36 -0.52 4.81
N PHE A 137 -13.51 -1.36 4.32
CA PHE A 137 -13.86 -2.67 3.77
C PHE A 137 -14.74 -3.41 4.78
N ASP A 138 -14.20 -3.55 5.98
CA ASP A 138 -14.94 -4.22 7.07
C ASP A 138 -16.35 -3.69 7.23
N ASN A 139 -16.51 -2.40 7.06
CA ASN A 139 -17.78 -1.72 7.15
C ASN A 139 -18.63 -1.94 5.91
N LEU A 140 -18.04 -2.14 4.75
CA LEU A 140 -18.77 -2.49 3.53
C LEU A 140 -19.32 -3.93 3.74
N TRP A 141 -18.53 -4.90 4.17
CA TRP A 141 -18.99 -6.28 4.42
C TRP A 141 -20.07 -6.30 5.53
N ASP A 142 -19.89 -5.58 6.63
CA ASP A 142 -20.84 -5.61 7.74
C ASP A 142 -22.22 -5.13 7.37
N GLN A 143 -22.26 -4.41 6.26
CA GLN A 143 -23.49 -3.83 5.65
C GLN A 143 -24.00 -4.56 4.42
N GLY A 144 -23.26 -5.56 3.94
CA GLY A 144 -23.57 -6.36 2.77
C GLY A 144 -23.45 -5.52 1.48
N LEU A 145 -22.68 -4.44 1.54
CA LEU A 145 -22.52 -3.57 0.36
C LEU A 145 -21.70 -4.24 -0.72
N VAL A 146 -21.12 -5.38 -0.44
CA VAL A 146 -20.31 -6.09 -1.38
C VAL A 146 -20.81 -7.52 -1.27
N SER A 147 -20.68 -8.27 -2.35
CA SER A 147 -21.11 -9.66 -2.47
C SER A 147 -20.05 -10.63 -2.00
N GLN A 148 -18.79 -10.29 -2.22
CA GLN A 148 -17.68 -11.20 -1.91
C GLN A 148 -16.79 -10.49 -0.94
N ASP A 149 -16.35 -11.16 0.08
CA ASP A 149 -15.47 -10.61 1.15
C ASP A 149 -14.03 -10.59 0.68
N LEU A 150 -13.74 -9.97 -0.44
CA LEU A 150 -12.38 -9.90 -1.02
C LEU A 150 -12.26 -8.66 -1.83
N PHE A 151 -11.04 -8.16 -2.03
CA PHE A 151 -10.86 -7.04 -2.96
C PHE A 151 -9.58 -7.31 -3.77
N SER A 152 -9.50 -6.90 -5.02
CA SER A 152 -8.30 -7.17 -5.84
C SER A 152 -7.56 -5.92 -6.30
N VAL A 153 -6.22 -5.92 -6.44
CA VAL A 153 -5.50 -4.73 -6.82
C VAL A 153 -4.82 -4.80 -8.15
N TYR A 154 -4.98 -3.78 -9.00
CA TYR A 154 -4.20 -3.75 -10.28
C TYR A 154 -3.34 -2.50 -10.19
N LEU A 155 -2.07 -2.52 -10.53
CA LEU A 155 -1.22 -1.38 -10.35
C LEU A 155 -0.42 -1.21 -11.63
N SER A 156 -0.63 -0.13 -12.42
CA SER A 156 0.05 0.08 -13.68
C SER A 156 1.51 0.49 -13.60
N SER A 157 2.25 0.12 -14.68
CA SER A 157 3.65 0.50 -14.77
C SER A 157 3.66 1.64 -15.79
N ASN A 158 4.75 2.40 -15.79
CA ASN A 158 5.10 3.47 -16.74
C ASN A 158 4.31 4.77 -16.74
N ASP A 159 3.57 5.09 -15.69
CA ASP A 159 2.67 6.22 -15.62
C ASP A 159 1.57 6.08 -16.72
N ASP A 160 0.68 5.18 -16.55
CA ASP A 160 -0.45 5.08 -17.45
C ASP A 160 -1.61 5.09 -16.47
N SER A 161 -2.75 5.59 -16.91
CA SER A 161 -3.96 5.49 -16.12
C SER A 161 -4.32 4.02 -16.07
N GLY A 162 -5.21 3.61 -15.19
CA GLY A 162 -5.64 2.19 -15.26
C GLY A 162 -5.54 1.38 -13.97
N SER A 163 -4.57 1.61 -13.08
CA SER A 163 -4.60 0.98 -11.75
C SER A 163 -5.99 1.09 -11.13
N VAL A 164 -6.52 0.12 -10.45
CA VAL A 164 -7.85 0.12 -9.84
C VAL A 164 -7.87 -0.79 -8.62
N VAL A 165 -8.79 -0.57 -7.69
CA VAL A 165 -8.99 -1.52 -6.58
C VAL A 165 -10.44 -2.01 -6.80
N LEU A 166 -10.59 -3.29 -7.09
CA LEU A 166 -11.93 -3.85 -7.35
C LEU A 166 -12.43 -4.20 -5.92
N LEU A 167 -13.42 -3.51 -5.46
CA LEU A 167 -14.00 -3.70 -4.15
C LEU A 167 -15.06 -4.79 -4.30
N GLY A 168 -14.83 -6.00 -3.77
CA GLY A 168 -15.78 -7.07 -3.74
C GLY A 168 -15.92 -7.89 -4.98
N GLY A 169 -14.83 -8.12 -5.70
CA GLY A 169 -14.86 -8.86 -6.96
C GLY A 169 -13.43 -8.99 -7.46
N ILE A 170 -13.26 -9.87 -8.46
CA ILE A 170 -11.95 -10.14 -9.07
C ILE A 170 -12.20 -9.94 -10.54
N ASP A 171 -11.34 -9.34 -11.29
CA ASP A 171 -11.55 -9.24 -12.76
C ASP A 171 -10.58 -10.23 -13.40
N SER A 172 -11.07 -11.41 -13.71
CA SER A 172 -10.29 -12.52 -14.27
C SER A 172 -9.34 -12.17 -15.43
N SER A 173 -9.67 -11.23 -16.30
CA SER A 173 -8.80 -10.88 -17.40
C SER A 173 -7.52 -10.11 -17.10
N TYR A 174 -7.34 -9.64 -15.87
CA TYR A 174 -6.18 -8.80 -15.50
C TYR A 174 -4.91 -9.59 -15.25
N TYR A 175 -5.06 -10.90 -15.41
CA TYR A 175 -3.96 -11.79 -15.15
C TYR A 175 -3.97 -12.98 -16.12
N THR A 176 -2.76 -13.43 -16.30
CA THR A 176 -2.56 -14.62 -17.14
C THR A 176 -2.52 -15.83 -16.25
N GLY A 177 -3.19 -16.89 -16.68
CA GLY A 177 -3.15 -18.17 -16.01
C GLY A 177 -4.22 -18.20 -14.91
N SER A 178 -3.83 -18.77 -13.77
CA SER A 178 -4.73 -18.95 -12.63
C SER A 178 -4.18 -18.23 -11.39
N LEU A 179 -5.02 -17.93 -10.43
CA LEU A 179 -4.58 -17.36 -9.16
C LEU A 179 -3.94 -18.47 -8.33
N ASN A 180 -3.03 -18.17 -7.42
CA ASN A 180 -2.38 -19.14 -6.52
C ASN A 180 -2.69 -18.68 -5.14
N TRP A 181 -3.57 -19.28 -4.40
CA TRP A 181 -4.04 -18.82 -3.08
C TRP A 181 -3.14 -19.01 -1.88
N VAL A 182 -2.16 -18.21 -1.63
CA VAL A 182 -1.23 -18.32 -0.50
C VAL A 182 -1.92 -17.96 0.80
N PRO A 183 -1.64 -18.67 1.93
CA PRO A 183 -2.18 -18.32 3.25
C PRO A 183 -1.47 -17.22 4.00
N VAL A 184 -2.23 -16.43 4.74
CA VAL A 184 -1.72 -15.37 5.62
C VAL A 184 -0.97 -15.96 6.84
N SER A 185 -0.15 -15.20 7.61
CA SER A 185 0.60 -15.71 8.75
C SER A 185 0.02 -15.10 9.97
N VAL A 186 0.25 -13.85 10.32
CA VAL A 186 -0.39 -13.11 11.46
C VAL A 186 -1.47 -12.28 10.75
N GLU A 187 -2.65 -12.17 11.37
CA GLU A 187 -3.74 -11.41 10.77
C GLU A 187 -3.67 -10.07 11.42
N GLY A 188 -3.08 -9.17 10.67
CA GLY A 188 -2.90 -7.74 11.05
C GLY A 188 -2.48 -7.15 9.70
N TYR A 189 -1.24 -7.33 9.32
CA TYR A 189 -0.85 -6.89 7.96
C TYR A 189 -1.28 -7.97 6.97
N TRP A 190 -1.05 -7.86 5.68
CA TRP A 190 -1.29 -9.00 4.78
C TRP A 190 0.06 -9.69 4.81
N GLN A 191 0.26 -10.48 5.87
CA GLN A 191 1.56 -11.08 6.11
C GLN A 191 1.56 -12.52 5.67
N ILE A 192 2.57 -12.95 4.95
CA ILE A 192 2.71 -14.26 4.38
C ILE A 192 4.17 -14.68 4.57
N THR A 193 4.41 -16.01 4.53
CA THR A 193 5.74 -16.55 4.68
C THR A 193 6.34 -16.65 3.29
N LEU A 194 7.53 -16.09 3.16
CA LEU A 194 8.33 -16.13 1.96
C LEU A 194 9.30 -17.31 2.09
N ASP A 195 9.30 -18.25 1.18
CA ASP A 195 10.17 -19.42 1.30
C ASP A 195 11.64 -19.13 0.91
N SER A 196 11.92 -18.34 -0.11
CA SER A 196 13.28 -17.99 -0.47
C SER A 196 13.39 -16.79 -1.46
N ILE A 197 14.58 -16.36 -1.69
CA ILE A 197 14.93 -15.29 -2.61
C ILE A 197 16.26 -15.80 -3.22
N THR A 198 16.25 -16.05 -4.49
CA THR A 198 17.31 -16.69 -5.25
C THR A 198 17.66 -15.85 -6.46
N MET A 199 18.96 -15.75 -6.72
CA MET A 199 19.45 -15.01 -7.91
C MET A 199 19.57 -15.96 -9.12
N ASP A 200 20.59 -16.77 -9.13
CA ASP A 200 20.81 -17.67 -10.30
C ASP A 200 21.47 -18.91 -9.71
N GLY A 201 20.71 -19.99 -9.61
CA GLY A 201 21.24 -21.24 -9.05
C GLY A 201 21.52 -21.19 -7.56
N GLU A 202 21.58 -20.01 -6.94
CA GLU A 202 21.88 -19.91 -5.50
C GLU A 202 21.01 -18.89 -4.78
N THR A 203 20.57 -19.24 -3.62
CA THR A 203 19.78 -18.41 -2.72
C THR A 203 20.64 -17.29 -2.15
N ILE A 204 20.14 -16.09 -2.19
CA ILE A 204 20.82 -14.89 -1.75
C ILE A 204 20.26 -14.21 -0.53
N ALA A 205 19.10 -14.57 0.03
CA ALA A 205 18.47 -13.77 1.09
C ALA A 205 17.57 -14.46 2.09
N CYS A 206 16.63 -15.31 1.72
CA CYS A 206 15.88 -16.00 2.81
C CYS A 206 16.30 -17.45 2.93
N SER A 207 17.38 -17.77 3.61
CA SER A 207 17.83 -19.16 3.75
C SER A 207 17.27 -19.66 5.06
N GLY A 208 15.98 -19.94 5.08
CA GLY A 208 15.27 -20.43 6.24
C GLY A 208 13.87 -19.87 6.34
N GLY A 209 13.39 -19.28 5.24
CA GLY A 209 12.08 -18.63 5.22
C GLY A 209 12.14 -17.26 5.92
N CYS A 210 11.53 -16.30 5.24
CA CYS A 210 11.43 -14.95 5.82
C CYS A 210 9.95 -14.64 5.85
N GLN A 211 9.56 -13.60 6.58
CA GLN A 211 8.17 -13.19 6.68
C GLN A 211 8.08 -11.94 5.84
N ALA A 212 6.97 -11.80 5.12
CA ALA A 212 6.79 -10.63 4.22
C ALA A 212 5.40 -10.02 4.36
N ILE A 213 5.29 -8.71 4.12
CA ILE A 213 3.98 -8.10 4.03
C ILE A 213 3.76 -7.59 2.61
N VAL A 214 2.50 -7.72 2.17
CA VAL A 214 2.17 -7.33 0.80
C VAL A 214 1.74 -5.88 0.89
N ASP A 215 2.50 -4.94 0.37
CA ASP A 215 2.16 -3.52 0.69
C ASP A 215 2.11 -2.42 -0.35
N THR A 216 0.94 -2.05 -0.76
CA THR A 216 0.69 -1.01 -1.75
C THR A 216 1.18 0.33 -1.26
N GLY A 217 1.17 0.66 0.02
CA GLY A 217 1.55 1.96 0.52
C GLY A 217 3.06 2.14 0.55
N THR A 218 3.83 1.38 -0.25
CA THR A 218 5.27 1.63 -0.30
C THR A 218 5.69 1.31 -1.70
N SER A 219 6.54 2.20 -2.20
CA SER A 219 7.04 2.14 -3.57
C SER A 219 8.07 1.06 -3.69
N LEU A 220 9.02 0.83 -2.76
CA LEU A 220 10.08 -0.15 -3.00
C LEU A 220 9.99 -1.54 -2.32
N LEU A 221 10.92 -2.42 -2.70
CA LEU A 221 10.98 -3.71 -2.11
C LEU A 221 12.01 -3.44 -1.02
N THR A 222 11.57 -3.70 0.20
CA THR A 222 12.43 -3.40 1.32
C THR A 222 12.56 -4.74 2.04
N GLY A 223 13.71 -4.87 2.70
CA GLY A 223 14.01 -5.95 3.59
C GLY A 223 14.95 -5.37 4.61
N PRO A 224 15.56 -6.10 5.55
CA PRO A 224 16.54 -5.56 6.48
C PRO A 224 17.85 -5.14 5.82
N THR A 225 18.51 -4.14 6.37
CA THR A 225 19.77 -3.59 5.89
C THR A 225 20.85 -4.62 5.66
N SER A 226 20.82 -5.71 6.39
CA SER A 226 21.79 -6.79 6.26
C SER A 226 21.56 -7.51 4.97
N ALA A 227 20.43 -8.20 4.84
CA ALA A 227 20.09 -8.89 3.57
C ALA A 227 20.11 -8.00 2.36
N ILE A 228 19.77 -6.73 2.59
CA ILE A 228 19.65 -5.79 1.51
C ILE A 228 21.05 -5.45 1.07
N ALA A 229 22.07 -5.26 1.91
CA ALA A 229 23.40 -4.85 1.38
C ALA A 229 23.92 -5.91 0.42
N ASN A 230 23.52 -7.11 0.84
CA ASN A 230 23.79 -8.32 0.13
C ASN A 230 23.13 -8.38 -1.27
N ILE A 231 21.88 -7.91 -1.39
CA ILE A 231 21.29 -7.81 -2.72
C ILE A 231 21.87 -6.64 -3.48
N GLN A 232 22.14 -5.52 -2.86
CA GLN A 232 22.65 -4.33 -3.55
C GLN A 232 23.95 -4.55 -4.32
N SER A 233 24.97 -5.12 -3.70
CA SER A 233 26.18 -5.38 -4.50
C SER A 233 25.93 -6.55 -5.47
N ASP A 234 25.00 -7.47 -5.18
CA ASP A 234 24.70 -8.52 -6.18
C ASP A 234 24.18 -7.92 -7.49
N ILE A 235 23.22 -7.06 -7.43
CA ILE A 235 22.73 -6.45 -8.67
C ILE A 235 23.73 -5.43 -9.18
N GLY A 236 24.76 -5.06 -8.44
CA GLY A 236 25.77 -4.07 -8.86
C GLY A 236 25.50 -2.62 -8.49
N ALA A 237 24.75 -2.32 -7.42
CA ALA A 237 24.59 -0.93 -6.97
C ALA A 237 25.79 -0.40 -6.15
N SER A 238 25.94 0.91 -6.09
CA SER A 238 27.04 1.58 -5.40
C SER A 238 26.45 2.80 -4.70
N GLU A 239 27.17 3.34 -3.73
CA GLU A 239 26.70 4.59 -3.08
C GLU A 239 27.13 5.82 -3.88
N ASN A 240 26.24 6.75 -4.06
CA ASN A 240 26.39 8.05 -4.72
C ASN A 240 26.67 9.05 -3.60
N SER A 241 27.24 10.18 -3.98
CA SER A 241 27.59 11.21 -2.98
C SER A 241 26.43 11.58 -2.08
N ASP A 242 25.31 11.82 -2.69
CA ASP A 242 24.01 12.18 -2.09
C ASP A 242 23.51 11.11 -1.13
N GLY A 243 23.80 9.87 -1.47
CA GLY A 243 23.28 8.73 -0.68
C GLY A 243 22.59 7.74 -1.61
N GLU A 244 22.25 8.09 -2.83
CA GLU A 244 21.55 7.21 -3.77
C GLU A 244 22.28 5.94 -4.09
N MET A 245 21.51 4.91 -4.36
CA MET A 245 22.00 3.53 -4.64
C MET A 245 21.99 3.38 -6.17
N VAL A 246 23.09 3.86 -6.74
CA VAL A 246 23.34 3.97 -8.17
C VAL A 246 23.74 2.67 -8.83
N ILE A 247 23.22 2.41 -10.05
CA ILE A 247 23.53 1.22 -10.85
C ILE A 247 23.64 1.69 -12.28
N SER A 248 24.24 0.99 -13.20
CA SER A 248 24.27 1.40 -14.63
C SER A 248 23.04 0.77 -15.32
N CYS A 249 22.26 1.48 -16.10
CA CYS A 249 21.13 0.88 -16.78
C CYS A 249 21.48 -0.22 -17.76
N SER A 250 22.70 -0.30 -18.18
CA SER A 250 23.18 -1.40 -19.02
C SER A 250 22.88 -2.73 -18.32
N SER A 251 22.93 -2.72 -17.01
CA SER A 251 22.68 -3.89 -16.16
C SER A 251 21.29 -4.47 -16.43
N ILE A 252 20.33 -3.66 -16.86
CA ILE A 252 19.02 -4.23 -17.25
C ILE A 252 19.24 -5.23 -18.40
N ASP A 253 20.11 -4.83 -19.34
CA ASP A 253 20.47 -5.70 -20.46
C ASP A 253 21.33 -6.87 -20.10
N SER A 254 21.83 -7.01 -18.91
CA SER A 254 22.74 -8.13 -18.60
C SER A 254 22.48 -8.82 -17.28
N LEU A 255 21.53 -8.37 -16.47
CA LEU A 255 21.32 -8.95 -15.15
C LEU A 255 20.19 -9.97 -15.19
N PRO A 256 20.26 -11.07 -14.44
CA PRO A 256 19.22 -12.09 -14.45
C PRO A 256 18.14 -11.82 -13.39
N ASP A 257 16.98 -12.44 -13.57
CA ASP A 257 15.86 -12.35 -12.65
C ASP A 257 16.23 -12.81 -11.25
N ILE A 258 15.48 -12.25 -10.32
CA ILE A 258 15.53 -12.72 -8.90
C ILE A 258 14.17 -13.41 -8.72
N VAL A 259 14.14 -14.45 -7.89
CA VAL A 259 12.97 -15.31 -7.77
C VAL A 259 12.65 -15.35 -6.31
N PHE A 260 11.36 -15.11 -6.04
CA PHE A 260 10.82 -15.10 -4.71
C PHE A 260 9.81 -16.24 -4.77
N THR A 261 10.03 -17.27 -3.99
CA THR A 261 9.15 -18.42 -3.92
C THR A 261 8.26 -18.29 -2.71
N ILE A 262 6.98 -18.08 -2.97
CA ILE A 262 6.05 -17.90 -1.84
C ILE A 262 5.15 -19.13 -1.90
N ASP A 263 5.24 -19.80 -0.77
CA ASP A 263 4.56 -21.08 -0.53
C ASP A 263 4.56 -22.17 -1.61
N GLY A 264 5.67 -22.35 -2.28
CA GLY A 264 5.76 -23.36 -3.31
C GLY A 264 6.01 -22.75 -4.65
N VAL A 265 5.29 -21.73 -5.08
CA VAL A 265 5.42 -21.17 -6.43
C VAL A 265 6.50 -20.07 -6.52
N GLN A 266 7.32 -20.22 -7.58
CA GLN A 266 8.40 -19.30 -7.91
C GLN A 266 7.79 -18.09 -8.63
N TYR A 267 7.93 -16.88 -8.06
CA TYR A 267 7.48 -15.63 -8.72
C TYR A 267 8.70 -14.88 -9.10
N PRO A 268 9.07 -14.67 -10.37
CA PRO A 268 10.23 -13.86 -10.71
C PRO A 268 9.94 -12.36 -10.81
N LEU A 269 11.03 -11.61 -10.49
CA LEU A 269 11.11 -10.18 -10.59
C LEU A 269 12.25 -9.96 -11.61
N SER A 270 11.91 -9.45 -12.77
CA SER A 270 12.87 -9.11 -13.78
C SER A 270 13.66 -7.85 -13.40
N PRO A 271 14.86 -7.65 -13.94
CA PRO A 271 15.58 -6.37 -13.89
C PRO A 271 14.79 -5.13 -14.33
N SER A 272 13.97 -5.13 -15.42
CA SER A 272 13.17 -3.92 -15.71
C SER A 272 12.14 -3.59 -14.62
N ALA A 273 11.95 -4.41 -13.63
CA ALA A 273 11.03 -4.09 -12.53
C ALA A 273 11.88 -3.59 -11.39
N TYR A 274 12.92 -4.24 -11.00
CA TYR A 274 13.64 -3.88 -9.76
C TYR A 274 14.76 -2.91 -9.91
N ILE A 275 15.06 -2.43 -11.09
CA ILE A 275 16.03 -1.36 -11.35
C ILE A 275 15.19 -0.29 -12.02
N LEU A 276 15.14 0.90 -11.49
CA LEU A 276 14.30 1.90 -12.09
C LEU A 276 15.12 2.80 -13.00
N GLN A 277 14.60 3.13 -14.15
CA GLN A 277 15.29 4.09 -15.02
C GLN A 277 14.48 5.34 -14.76
N ASP A 278 15.11 6.30 -14.13
CA ASP A 278 14.41 7.58 -13.83
C ASP A 278 15.06 8.67 -14.69
N ASP A 279 14.45 9.87 -14.61
CA ASP A 279 15.02 11.05 -15.27
C ASP A 279 16.46 11.43 -14.86
N ASP A 280 16.95 10.82 -13.78
CA ASP A 280 18.27 11.11 -13.22
C ASP A 280 19.29 10.06 -13.62
N SER A 281 19.04 8.80 -13.32
CA SER A 281 19.96 7.71 -13.64
C SER A 281 19.17 6.44 -13.47
N CYS A 282 19.80 5.38 -13.06
CA CYS A 282 19.13 4.11 -12.74
C CYS A 282 19.59 3.74 -11.33
N THR A 283 18.61 3.54 -10.47
CA THR A 283 18.91 3.21 -9.07
C THR A 283 18.20 1.91 -8.73
N SER A 284 18.57 1.27 -7.64
CA SER A 284 17.93 0.00 -7.25
C SER A 284 16.58 0.21 -6.66
N GLY A 285 15.77 -0.82 -6.76
CA GLY A 285 14.44 -0.72 -6.10
C GLY A 285 14.41 -1.57 -4.83
N PHE A 286 15.54 -1.73 -4.19
CA PHE A 286 15.65 -2.51 -2.95
C PHE A 286 16.11 -1.48 -1.96
N GLU A 287 15.47 -1.44 -0.84
CA GLU A 287 15.77 -0.43 0.16
C GLU A 287 15.95 -1.12 1.52
N GLY A 288 16.92 -0.67 2.28
CA GLY A 288 17.17 -1.13 3.62
C GLY A 288 16.21 -0.33 4.52
N MET A 289 15.63 -1.03 5.49
CA MET A 289 14.77 -0.41 6.52
C MET A 289 14.67 -1.56 7.52
N ASP A 290 14.52 -1.23 8.78
CA ASP A 290 14.26 -2.27 9.79
C ASP A 290 12.88 -2.07 10.44
N VAL A 291 12.24 -3.20 10.58
CA VAL A 291 10.87 -3.35 11.09
C VAL A 291 10.52 -2.60 12.38
N PRO A 292 9.27 -2.11 12.43
CA PRO A 292 8.72 -1.41 13.58
C PRO A 292 8.39 -2.26 14.80
N THR A 293 8.74 -1.63 15.92
CA THR A 293 8.58 -2.08 17.29
C THR A 293 7.69 -3.28 17.58
N SER A 294 6.47 -3.33 17.07
CA SER A 294 5.60 -4.46 17.44
C SER A 294 5.65 -5.66 16.52
N SER A 295 6.72 -5.87 15.71
CA SER A 295 6.77 -7.00 14.79
C SER A 295 8.15 -7.51 14.52
N GLY A 296 8.27 -8.75 14.05
CA GLY A 296 9.57 -9.39 13.72
C GLY A 296 9.98 -9.17 12.26
N GLU A 297 11.25 -8.82 12.08
CA GLU A 297 11.93 -8.51 10.82
C GLU A 297 11.17 -8.73 9.54
N LEU A 298 10.44 -7.67 9.22
CA LEU A 298 9.57 -7.71 8.01
C LEU A 298 10.28 -7.41 6.69
N TRP A 299 9.81 -8.11 5.71
CA TRP A 299 10.18 -7.82 4.34
C TRP A 299 8.89 -7.15 3.88
N ILE A 300 8.94 -6.13 3.02
CA ILE A 300 7.73 -5.46 2.51
C ILE A 300 7.78 -5.68 1.02
N LEU A 301 6.88 -6.40 0.44
CA LEU A 301 6.85 -6.63 -1.02
C LEU A 301 6.00 -5.46 -1.44
N GLY A 302 6.67 -4.32 -1.83
CA GLY A 302 5.94 -3.09 -2.16
C GLY A 302 5.47 -2.96 -3.62
N ASP A 303 5.37 -1.73 -4.10
CA ASP A 303 4.84 -1.41 -5.44
C ASP A 303 5.67 -2.09 -6.53
N VAL A 304 6.98 -2.28 -6.28
CA VAL A 304 7.81 -2.96 -7.29
C VAL A 304 7.42 -4.42 -7.42
N PHE A 305 6.69 -5.07 -6.51
CA PHE A 305 6.30 -6.49 -6.77
C PHE A 305 4.86 -6.56 -7.28
N ILE A 306 4.04 -5.72 -6.69
CA ILE A 306 2.65 -5.61 -7.03
C ILE A 306 2.35 -5.21 -8.45
N ARG A 307 3.07 -4.23 -9.00
CA ARG A 307 3.00 -3.88 -10.39
C ARG A 307 3.01 -5.09 -11.37
N GLN A 308 3.76 -6.08 -11.02
CA GLN A 308 3.98 -7.26 -11.88
C GLN A 308 3.06 -8.40 -11.49
N TYR A 309 2.25 -8.26 -10.46
CA TYR A 309 1.40 -9.38 -9.99
C TYR A 309 0.04 -8.99 -9.47
N TYR A 310 -1.02 -9.52 -10.10
CA TYR A 310 -2.40 -9.26 -9.73
C TYR A 310 -2.57 -9.85 -8.37
N THR A 311 -2.98 -9.09 -7.42
CA THR A 311 -3.07 -9.66 -6.07
C THR A 311 -4.50 -9.48 -5.58
N VAL A 312 -5.03 -10.43 -4.85
CA VAL A 312 -6.40 -10.42 -4.33
C VAL A 312 -6.17 -10.66 -2.87
N PHE A 313 -6.92 -9.94 -2.06
CA PHE A 313 -6.79 -10.03 -0.64
C PHE A 313 -8.19 -10.51 -0.17
N ASP A 314 -8.20 -11.84 0.08
CA ASP A 314 -9.48 -12.50 0.45
C ASP A 314 -9.69 -12.50 1.97
N ARG A 315 -10.60 -11.64 2.42
CA ARG A 315 -10.94 -11.63 3.87
C ARG A 315 -11.66 -12.89 4.28
N ALA A 316 -12.64 -13.37 3.52
CA ALA A 316 -13.43 -14.54 3.81
C ALA A 316 -12.69 -15.85 4.06
N ASN A 317 -11.55 -15.94 3.39
CA ASN A 317 -10.75 -17.17 3.36
C ASN A 317 -9.36 -16.89 3.91
N ASN A 318 -9.10 -15.75 4.54
CA ASN A 318 -7.81 -15.38 5.06
C ASN A 318 -6.57 -15.76 4.20
N LYS A 319 -6.66 -15.47 2.90
CA LYS A 319 -5.62 -15.78 1.91
C LYS A 319 -5.42 -14.58 0.97
N VAL A 320 -4.31 -14.64 0.26
CA VAL A 320 -3.89 -13.60 -0.70
C VAL A 320 -3.73 -14.43 -1.98
N GLY A 321 -4.28 -14.07 -3.13
CA GLY A 321 -4.07 -14.87 -4.32
C GLY A 321 -3.21 -14.06 -5.25
N LEU A 322 -2.34 -14.64 -6.00
CA LEU A 322 -1.33 -13.90 -6.81
C LEU A 322 -1.29 -14.54 -8.17
N ALA A 323 -1.11 -13.71 -9.17
CA ALA A 323 -1.01 -14.20 -10.59
C ALA A 323 -0.25 -13.19 -11.40
N PRO A 324 0.64 -13.61 -12.31
CA PRO A 324 1.30 -12.72 -13.27
C PRO A 324 0.26 -11.86 -14.00
N VAL A 325 0.44 -10.54 -14.13
CA VAL A 325 -0.59 -9.69 -14.75
C VAL A 325 -0.62 -9.88 -16.25
N ALA A 326 -1.62 -9.24 -16.82
CA ALA A 326 -1.87 -9.08 -18.24
C ALA A 326 -2.67 -10.27 -18.80
C1 EOH B . 1.02 3.63 -3.30
C2 EOH B . 1.82 4.60 -2.43
H21 EOH B . 3.21 4.37 -2.58
C1 EOH C . 1.75 2.18 11.39
C2 EOH C . 0.39 2.34 12.07
H21 EOH C . -0.61 1.70 11.29
#